data_2DZO
#
_entry.id   2DZO
#
_cell.length_a   99.599
_cell.length_b   99.599
_cell.length_c   73.082
_cell.angle_alpha   90.00
_cell.angle_beta   90.00
_cell.angle_gamma   120.00
#
_symmetry.space_group_name_H-M   'P 31'
#
loop_
_entity.id
_entity.type
_entity.pdbx_description
1 polymer 'Probable 26S proteasome regulatory subunit p28'
2 polymer '26S protease regulatory subunit 6B homolog'
3 water water
#
loop_
_entity_poly.entity_id
_entity_poly.type
_entity_poly.pdbx_seq_one_letter_code
_entity_poly.pdbx_strand_id
1 'polypeptide(L)'
;MSNYPLHQACMENEFFKVQELLHSKPSLLLQKDQDGRIPLHWSVSFQAHEITSFLLSKMENVNLDDYPDDSGWTPFHIAC
SVGNLEVVKSLYDRPLKPDLNKITNQGVTCLHLAVGKKWFEVSQFLIENGASVRIKDKFNQIPLHRAASVGSLKLIELLC
GLGKSAVNWQDKQGWTPLFHALAEGHGDAAVLLVEKYGAEYDLVDNKGAKAEDVALNEQVKKFFLNNV
;
A,C
2 'polypeptide(L)'
;MERRLIFGTIASKMSLAPEADLDSLIIRNDSLSGAVIAAIMQEAGLRAVRKNRYVILQSDLEEAYATQVKTDNTVDKFDF
YK
;
B,D
#
# COMPACT_ATOMS: atom_id res chain seq x y z
N MET A 1 -33.43 -17.04 -8.67
CA MET A 1 -32.00 -17.46 -8.68
C MET A 1 -31.16 -16.68 -7.69
N SER A 2 -31.82 -15.76 -6.97
CA SER A 2 -31.19 -14.90 -5.96
C SER A 2 -29.75 -15.29 -5.61
N ASN A 3 -29.55 -16.53 -5.15
CA ASN A 3 -28.20 -17.00 -4.80
C ASN A 3 -27.61 -17.95 -5.84
N TYR A 4 -26.34 -17.74 -6.15
CA TYR A 4 -25.62 -18.55 -7.13
C TYR A 4 -24.52 -19.29 -6.41
N PRO A 5 -24.85 -20.42 -5.79
CA PRO A 5 -23.92 -21.26 -5.04
C PRO A 5 -22.62 -21.66 -5.75
N LEU A 6 -22.70 -22.05 -7.02
CA LEU A 6 -21.51 -22.46 -7.74
C LEU A 6 -20.46 -21.37 -7.66
N HIS A 7 -20.87 -20.13 -7.90
CA HIS A 7 -19.98 -18.98 -7.84
C HIS A 7 -19.46 -18.86 -6.41
N GLN A 8 -20.37 -18.88 -5.46
CA GLN A 8 -20.03 -18.80 -4.04
C GLN A 8 -18.96 -19.85 -3.82
N ALA A 9 -19.30 -21.08 -4.22
CA ALA A 9 -18.40 -22.20 -4.09
C ALA A 9 -17.00 -21.85 -4.61
N CYS A 10 -16.94 -20.93 -5.56
CA CYS A 10 -15.66 -20.52 -6.12
C CYS A 10 -14.98 -19.51 -5.21
N MET A 11 -15.78 -18.70 -4.53
CA MET A 11 -15.25 -17.70 -3.62
C MET A 11 -14.62 -18.38 -2.41
N GLU A 12 -15.38 -19.27 -1.79
CA GLU A 12 -14.94 -19.99 -0.61
C GLU A 12 -13.91 -21.07 -0.88
N ASN A 13 -13.65 -21.32 -2.16
CA ASN A 13 -12.67 -22.31 -2.57
C ASN A 13 -12.99 -23.74 -2.10
N GLU A 14 -14.27 -24.11 -2.11
CA GLU A 14 -14.67 -25.44 -1.69
C GLU A 14 -14.64 -26.37 -2.92
N PHE A 15 -13.44 -26.60 -3.46
CA PHE A 15 -13.23 -27.42 -4.66
C PHE A 15 -14.23 -28.55 -4.90
N PHE A 16 -14.52 -29.33 -3.86
CA PHE A 16 -15.47 -30.43 -3.99
C PHE A 16 -16.83 -29.84 -4.32
N LYS A 17 -17.37 -29.07 -3.37
CA LYS A 17 -18.66 -28.40 -3.47
C LYS A 17 -18.92 -28.05 -4.93
N VAL A 18 -17.98 -27.32 -5.53
CA VAL A 18 -18.08 -26.90 -6.91
C VAL A 18 -18.25 -28.16 -7.77
N GLN A 19 -17.23 -29.00 -7.76
CA GLN A 19 -17.26 -30.23 -8.55
C GLN A 19 -18.53 -31.00 -8.28
N GLU A 20 -19.15 -30.74 -7.13
CA GLU A 20 -20.38 -31.41 -6.73
C GLU A 20 -21.62 -30.69 -7.26
N LEU A 21 -21.53 -29.37 -7.45
CA LEU A 21 -22.66 -28.58 -7.95
C LEU A 21 -22.80 -28.67 -9.46
N LEU A 22 -21.69 -28.82 -10.16
CA LEU A 22 -21.69 -28.95 -11.61
C LEU A 22 -22.34 -30.26 -11.98
N HIS A 23 -22.09 -31.25 -11.13
CA HIS A 23 -22.62 -32.60 -11.26
C HIS A 23 -24.15 -32.58 -11.25
N SER A 24 -24.71 -31.91 -10.25
CA SER A 24 -26.16 -31.80 -10.08
C SER A 24 -26.86 -30.98 -11.16
N LYS A 25 -26.26 -29.84 -11.53
CA LYS A 25 -26.81 -28.96 -12.56
C LYS A 25 -25.68 -28.39 -13.42
N PRO A 26 -25.50 -28.91 -14.65
CA PRO A 26 -24.47 -28.49 -15.60
C PRO A 26 -24.57 -27.07 -16.17
N SER A 27 -25.79 -26.56 -16.32
CA SER A 27 -26.03 -25.23 -16.87
C SER A 27 -25.44 -24.09 -16.04
N LEU A 28 -24.75 -24.46 -14.95
CA LEU A 28 -24.13 -23.50 -14.04
C LEU A 28 -22.73 -23.10 -14.48
N LEU A 29 -22.01 -24.04 -15.07
CA LEU A 29 -20.64 -23.79 -15.53
C LEU A 29 -20.48 -22.42 -16.18
N LEU A 30 -21.47 -22.03 -16.98
CA LEU A 30 -21.43 -20.75 -17.70
C LEU A 30 -22.60 -19.83 -17.37
N GLN A 31 -22.97 -19.77 -16.10
CA GLN A 31 -24.08 -18.90 -15.71
C GLN A 31 -23.58 -17.56 -15.19
N LYS A 32 -24.30 -16.50 -15.52
CA LYS A 32 -23.94 -15.15 -15.11
C LYS A 32 -24.79 -14.61 -13.96
N ASP A 33 -24.13 -14.26 -12.85
CA ASP A 33 -24.80 -13.73 -11.67
C ASP A 33 -25.15 -12.24 -11.80
N GLN A 34 -25.64 -11.66 -10.72
CA GLN A 34 -26.05 -10.27 -10.70
C GLN A 34 -24.92 -9.30 -11.01
N ASP A 35 -23.78 -9.83 -11.41
CA ASP A 35 -22.62 -9.00 -11.75
C ASP A 35 -22.18 -9.34 -13.15
N GLY A 36 -22.94 -10.24 -13.77
CA GLY A 36 -22.65 -10.65 -15.13
C GLY A 36 -21.48 -11.61 -15.16
N ARG A 37 -21.08 -12.07 -13.99
CA ARG A 37 -19.96 -12.98 -13.89
C ARG A 37 -20.39 -14.44 -13.91
N ILE A 38 -19.54 -15.27 -14.53
CA ILE A 38 -19.80 -16.70 -14.58
C ILE A 38 -18.91 -17.29 -13.48
N PRO A 39 -19.06 -18.59 -13.20
CA PRO A 39 -18.20 -19.17 -12.16
C PRO A 39 -16.72 -18.79 -12.30
N LEU A 40 -16.11 -19.24 -13.39
CA LEU A 40 -14.69 -18.97 -13.65
C LEU A 40 -14.22 -17.61 -13.11
N HIS A 41 -15.02 -16.57 -13.32
CA HIS A 41 -14.68 -15.25 -12.82
C HIS A 41 -14.11 -15.33 -11.40
N TRP A 42 -15.00 -15.61 -10.46
CA TRP A 42 -14.62 -15.70 -9.05
C TRP A 42 -13.56 -16.72 -8.75
N SER A 43 -13.54 -17.80 -9.51
CA SER A 43 -12.53 -18.81 -9.26
C SER A 43 -11.17 -18.24 -9.65
N VAL A 44 -11.16 -17.08 -10.30
CA VAL A 44 -9.89 -16.47 -10.68
C VAL A 44 -9.60 -15.33 -9.72
N SER A 45 -10.67 -14.62 -9.34
CA SER A 45 -10.57 -13.49 -8.43
C SER A 45 -9.86 -13.86 -7.12
N PHE A 46 -10.22 -15.00 -6.55
CA PHE A 46 -9.61 -15.42 -5.29
C PHE A 46 -8.45 -16.39 -5.48
N GLN A 47 -8.15 -16.68 -6.74
CA GLN A 47 -7.04 -17.56 -7.11
C GLN A 47 -7.18 -19.06 -6.78
N ALA A 48 -8.38 -19.61 -7.02
CA ALA A 48 -8.65 -21.03 -6.78
C ALA A 48 -8.10 -21.87 -7.93
N HIS A 49 -6.78 -22.09 -7.91
CA HIS A 49 -6.07 -22.84 -8.95
C HIS A 49 -6.73 -24.15 -9.38
N GLU A 50 -6.97 -25.04 -8.42
CA GLU A 50 -7.59 -26.32 -8.74
C GLU A 50 -8.94 -26.04 -9.38
N ILE A 51 -9.87 -25.42 -8.63
CA ILE A 51 -11.20 -25.10 -9.17
C ILE A 51 -11.06 -24.55 -10.58
N THR A 52 -10.31 -23.47 -10.70
CA THR A 52 -10.09 -22.82 -11.99
C THR A 52 -9.73 -23.83 -13.06
N SER A 53 -8.49 -24.31 -13.02
CA SER A 53 -7.98 -25.29 -13.98
C SER A 53 -9.09 -26.24 -14.41
N PHE A 54 -9.77 -26.80 -13.42
CA PHE A 54 -10.87 -27.72 -13.64
C PHE A 54 -11.94 -27.01 -14.46
N LEU A 55 -12.56 -25.98 -13.88
CA LEU A 55 -13.60 -25.19 -14.56
C LEU A 55 -13.33 -25.01 -16.05
N LEU A 56 -12.06 -24.80 -16.37
CA LEU A 56 -11.65 -24.58 -17.75
C LEU A 56 -11.87 -25.79 -18.62
N SER A 57 -11.48 -26.95 -18.12
CA SER A 57 -11.61 -28.21 -18.85
C SER A 57 -12.95 -28.31 -19.60
N LYS A 58 -14.00 -27.72 -19.04
CA LYS A 58 -15.31 -27.77 -19.67
C LYS A 58 -15.67 -26.44 -20.33
N MET A 59 -14.65 -25.62 -20.57
CA MET A 59 -14.79 -24.32 -21.20
C MET A 59 -13.74 -24.20 -22.29
N GLU A 60 -13.16 -25.34 -22.69
CA GLU A 60 -12.10 -25.35 -23.71
C GLU A 60 -12.52 -24.85 -25.09
N ASN A 61 -13.82 -24.80 -25.32
CA ASN A 61 -14.36 -24.30 -26.60
C ASN A 61 -14.93 -22.91 -26.34
N VAL A 62 -14.74 -22.44 -25.11
CA VAL A 62 -15.24 -21.14 -24.69
C VAL A 62 -14.20 -20.02 -24.78
N ASN A 63 -14.56 -19.00 -25.56
CA ASN A 63 -13.70 -17.84 -25.75
C ASN A 63 -13.81 -16.95 -24.51
N LEU A 64 -12.71 -16.75 -23.81
CA LEU A 64 -12.72 -15.93 -22.62
C LEU A 64 -13.32 -14.58 -22.92
N ASP A 65 -12.93 -13.99 -24.04
CA ASP A 65 -13.41 -12.67 -24.45
C ASP A 65 -14.94 -12.55 -24.46
N ASP A 66 -15.64 -13.65 -24.70
CA ASP A 66 -17.11 -13.60 -24.76
C ASP A 66 -17.75 -13.60 -23.39
N TYR A 67 -16.94 -13.50 -22.34
CA TYR A 67 -17.48 -13.51 -20.99
C TYR A 67 -17.02 -12.38 -20.08
N PRO A 68 -17.41 -11.15 -20.42
CA PRO A 68 -17.04 -9.98 -19.63
C PRO A 68 -18.17 -9.67 -18.62
N ASP A 69 -17.81 -9.35 -17.38
CA ASP A 69 -18.83 -9.04 -16.40
C ASP A 69 -19.39 -7.66 -16.69
N ASP A 70 -20.27 -7.18 -15.80
CA ASP A 70 -20.91 -5.86 -15.94
C ASP A 70 -19.98 -4.68 -16.07
N SER A 71 -18.67 -4.92 -16.06
CA SER A 71 -17.72 -3.82 -16.19
C SER A 71 -16.74 -4.17 -17.31
N GLY A 72 -17.13 -5.13 -18.14
CA GLY A 72 -16.30 -5.52 -19.25
C GLY A 72 -15.07 -6.29 -18.80
N TRP A 73 -15.03 -6.63 -17.52
CA TRP A 73 -13.91 -7.38 -16.99
C TRP A 73 -14.10 -8.83 -17.34
N THR A 74 -13.06 -9.37 -17.96
CA THR A 74 -13.03 -10.74 -18.42
C THR A 74 -12.23 -11.61 -17.45
N PRO A 75 -12.60 -12.90 -17.34
CA PRO A 75 -11.87 -13.77 -16.43
C PRO A 75 -10.35 -13.64 -16.63
N PHE A 76 -9.94 -13.14 -17.79
CA PHE A 76 -8.52 -12.94 -18.06
C PHE A 76 -8.12 -11.54 -17.57
N HIS A 77 -9.12 -10.67 -17.45
CA HIS A 77 -8.90 -9.31 -16.94
C HIS A 77 -8.64 -9.45 -15.43
N ILE A 78 -9.62 -10.02 -14.72
CA ILE A 78 -9.50 -10.23 -13.29
C ILE A 78 -8.18 -10.94 -13.06
N ALA A 79 -7.87 -11.88 -13.93
CA ALA A 79 -6.62 -12.60 -13.80
C ALA A 79 -5.40 -11.69 -13.75
N CYS A 80 -5.32 -10.76 -14.71
CA CYS A 80 -4.19 -9.83 -14.83
C CYS A 80 -4.08 -8.79 -13.74
N SER A 81 -5.21 -8.33 -13.23
CA SER A 81 -5.22 -7.34 -12.15
C SER A 81 -4.71 -7.95 -10.87
N VAL A 82 -5.11 -9.21 -10.61
CA VAL A 82 -4.73 -9.94 -9.40
C VAL A 82 -3.23 -10.12 -9.24
N GLY A 83 -2.54 -10.52 -10.31
CA GLY A 83 -1.10 -10.67 -10.22
C GLY A 83 -0.46 -12.04 -10.21
N ASN A 84 -1.22 -13.06 -10.62
CA ASN A 84 -0.65 -14.39 -10.62
C ASN A 84 -0.29 -14.80 -12.03
N LEU A 85 1.00 -14.81 -12.31
CA LEU A 85 1.50 -15.19 -13.63
C LEU A 85 0.97 -16.55 -14.02
N GLU A 86 0.99 -17.48 -13.07
CA GLU A 86 0.51 -18.84 -13.30
C GLU A 86 -0.93 -18.78 -13.80
N VAL A 87 -1.83 -18.40 -12.90
CA VAL A 87 -3.24 -18.28 -13.22
C VAL A 87 -3.46 -17.64 -14.60
N VAL A 88 -2.64 -16.66 -14.96
CA VAL A 88 -2.77 -15.99 -16.25
C VAL A 88 -2.28 -16.89 -17.39
N LYS A 89 -1.08 -17.43 -17.24
CA LYS A 89 -0.53 -18.32 -18.25
C LYS A 89 -1.57 -19.41 -18.47
N SER A 90 -2.20 -19.81 -17.37
CA SER A 90 -3.23 -20.84 -17.38
C SER A 90 -4.33 -20.49 -18.35
N LEU A 91 -4.89 -19.30 -18.19
CA LEU A 91 -5.98 -18.84 -19.03
C LEU A 91 -5.51 -18.48 -20.45
N TYR A 92 -4.20 -18.31 -20.62
CA TYR A 92 -3.71 -17.96 -21.94
C TYR A 92 -3.44 -19.19 -22.81
N ASP A 93 -2.63 -20.12 -22.34
CA ASP A 93 -2.34 -21.30 -23.13
C ASP A 93 -3.56 -22.21 -23.26
N ARG A 94 -4.40 -21.91 -24.24
CA ARG A 94 -5.61 -22.67 -24.50
C ARG A 94 -5.96 -22.49 -25.97
N PRO A 95 -6.68 -23.46 -26.56
CA PRO A 95 -7.08 -23.40 -27.98
C PRO A 95 -7.32 -21.98 -28.46
N LEU A 96 -8.37 -21.36 -27.94
CA LEU A 96 -8.70 -19.98 -28.27
C LEU A 96 -8.14 -19.08 -27.18
N LYS A 97 -7.12 -18.31 -27.52
CA LYS A 97 -6.50 -17.41 -26.57
C LYS A 97 -7.23 -16.07 -26.61
N PRO A 98 -7.23 -15.34 -25.48
CA PRO A 98 -7.88 -14.04 -25.35
C PRO A 98 -7.13 -12.89 -26.00
N ASP A 99 -7.87 -11.86 -26.40
CA ASP A 99 -7.25 -10.69 -27.01
C ASP A 99 -6.56 -9.88 -25.89
N LEU A 100 -5.26 -9.71 -26.03
CA LEU A 100 -4.49 -8.96 -25.06
C LEU A 100 -4.82 -7.48 -25.04
N ASN A 101 -5.63 -7.03 -25.99
CA ASN A 101 -5.97 -5.63 -26.04
C ASN A 101 -7.43 -5.30 -25.81
N LYS A 102 -8.25 -6.31 -25.55
CA LYS A 102 -9.66 -6.05 -25.32
C LYS A 102 -9.75 -5.16 -24.09
N ILE A 103 -10.58 -4.15 -24.16
CA ILE A 103 -10.69 -3.27 -23.02
C ILE A 103 -11.99 -3.50 -22.26
N THR A 104 -12.08 -2.83 -21.11
CA THR A 104 -13.21 -2.92 -20.22
C THR A 104 -14.04 -1.65 -20.38
N ASN A 105 -15.26 -1.65 -19.87
CA ASN A 105 -16.14 -0.51 -19.95
C ASN A 105 -15.48 0.85 -19.88
N GLN A 106 -14.37 0.98 -19.16
CA GLN A 106 -13.71 2.27 -19.09
C GLN A 106 -12.41 2.15 -19.88
N GLY A 107 -12.42 1.20 -20.80
CA GLY A 107 -11.31 0.98 -21.70
C GLY A 107 -9.89 0.78 -21.24
N VAL A 108 -9.70 0.01 -20.18
CA VAL A 108 -8.36 -0.22 -19.69
C VAL A 108 -8.00 -1.63 -20.11
N THR A 109 -6.74 -1.85 -20.45
CA THR A 109 -6.28 -3.16 -20.87
C THR A 109 -5.59 -3.88 -19.71
N CYS A 110 -5.39 -5.19 -19.83
CA CYS A 110 -4.74 -5.93 -18.77
C CYS A 110 -3.36 -5.36 -18.50
N LEU A 111 -2.82 -4.64 -19.48
CA LEU A 111 -1.49 -4.06 -19.30
C LEU A 111 -1.56 -2.98 -18.24
N HIS A 112 -2.62 -2.17 -18.29
CA HIS A 112 -2.81 -1.12 -17.29
C HIS A 112 -2.92 -1.86 -15.99
N LEU A 113 -4.06 -2.51 -15.78
CA LEU A 113 -4.32 -3.29 -14.56
C LEU A 113 -3.04 -3.90 -14.03
N ALA A 114 -2.29 -4.58 -14.90
CA ALA A 114 -1.04 -5.19 -14.49
C ALA A 114 -0.02 -4.14 -14.05
N VAL A 115 0.35 -3.25 -14.96
CA VAL A 115 1.32 -2.18 -14.68
C VAL A 115 0.98 -1.39 -13.40
N GLY A 116 -0.22 -0.81 -13.37
CA GLY A 116 -0.64 -0.04 -12.22
C GLY A 116 -0.28 -0.68 -10.89
N LYS A 117 -0.63 -1.95 -10.73
CA LYS A 117 -0.35 -2.69 -9.49
C LYS A 117 1.11 -3.12 -9.34
N LYS A 118 1.88 -3.03 -10.42
CA LYS A 118 3.31 -3.38 -10.44
C LYS A 118 3.66 -4.85 -10.62
N TRP A 119 2.86 -5.59 -11.40
CA TRP A 119 3.15 -7.00 -11.61
C TRP A 119 4.13 -7.19 -12.76
N PHE A 120 5.41 -7.00 -12.49
CA PHE A 120 6.43 -7.12 -13.53
C PHE A 120 6.27 -8.32 -14.46
N GLU A 121 6.16 -9.51 -13.90
CA GLU A 121 5.99 -10.71 -14.73
C GLU A 121 4.82 -10.53 -15.68
N VAL A 122 3.65 -10.34 -15.09
CA VAL A 122 2.41 -10.13 -15.84
C VAL A 122 2.61 -9.08 -16.92
N SER A 123 3.02 -7.88 -16.50
CA SER A 123 3.26 -6.79 -17.41
C SER A 123 4.08 -7.29 -18.59
N GLN A 124 5.27 -7.81 -18.27
CA GLN A 124 6.21 -8.32 -19.27
C GLN A 124 5.65 -9.43 -20.13
N PHE A 125 5.09 -10.43 -19.47
CA PHE A 125 4.50 -11.56 -20.18
C PHE A 125 3.67 -11.02 -21.34
N LEU A 126 2.68 -10.20 -21.00
CA LEU A 126 1.76 -9.58 -21.95
C LEU A 126 2.45 -8.87 -23.11
N ILE A 127 3.34 -7.94 -22.76
CA ILE A 127 4.08 -7.17 -23.74
C ILE A 127 4.68 -8.11 -24.78
N GLU A 128 5.11 -9.27 -24.31
CA GLU A 128 5.71 -10.27 -25.18
C GLU A 128 4.77 -10.97 -26.16
N ASN A 129 3.50 -11.08 -25.82
CA ASN A 129 2.56 -11.74 -26.71
C ASN A 129 1.66 -10.76 -27.45
N GLY A 130 2.19 -9.56 -27.68
CA GLY A 130 1.45 -8.52 -28.36
C GLY A 130 1.20 -7.39 -27.40
N ALA A 131 -0.02 -7.32 -26.87
CA ALA A 131 -0.41 -6.30 -25.91
C ALA A 131 0.12 -4.91 -26.26
N SER A 132 -0.69 -4.12 -26.95
CA SER A 132 -0.29 -2.78 -27.31
C SER A 132 0.07 -2.02 -26.05
N VAL A 133 1.24 -1.42 -26.08
CA VAL A 133 1.71 -0.61 -24.97
C VAL A 133 1.18 0.81 -25.07
N ARG A 134 0.30 0.99 -26.06
CA ARG A 134 -0.26 2.31 -26.34
C ARG A 134 -1.78 2.48 -26.33
N ILE A 135 -2.50 1.65 -25.60
CA ILE A 135 -3.95 1.80 -25.57
C ILE A 135 -4.49 2.84 -24.55
N LYS A 136 -5.19 3.83 -25.07
CA LYS A 136 -5.77 4.90 -24.27
C LYS A 136 -7.10 4.49 -23.66
N ASP A 137 -7.23 4.65 -22.35
CA ASP A 137 -8.48 4.32 -21.67
C ASP A 137 -9.31 5.60 -21.69
N LYS A 138 -10.58 5.52 -21.31
CA LYS A 138 -11.45 6.69 -21.31
C LYS A 138 -10.89 7.97 -20.65
N PHE A 139 -9.58 8.03 -20.45
CA PHE A 139 -8.94 9.22 -19.88
C PHE A 139 -7.67 9.51 -20.68
N ASN A 140 -7.62 8.91 -21.85
CA ASN A 140 -6.50 9.09 -22.74
C ASN A 140 -5.24 8.64 -22.06
N GLN A 141 -5.38 7.65 -21.18
CA GLN A 141 -4.26 7.13 -20.41
C GLN A 141 -3.74 5.78 -20.89
N ILE A 142 -2.42 5.69 -21.02
CA ILE A 142 -1.77 4.44 -21.42
C ILE A 142 -1.00 3.91 -20.21
N PRO A 143 -0.68 2.61 -20.21
CA PRO A 143 0.06 2.01 -19.10
C PRO A 143 1.20 2.81 -18.50
N LEU A 144 1.96 3.52 -19.32
CA LEU A 144 3.09 4.33 -18.82
C LEU A 144 2.61 5.40 -17.87
N HIS A 145 1.39 5.87 -18.10
CA HIS A 145 0.80 6.88 -17.23
C HIS A 145 0.68 6.23 -15.90
N ARG A 146 0.25 4.97 -15.90
CA ARG A 146 0.11 4.23 -14.67
C ARG A 146 1.48 4.04 -14.04
N ALA A 147 2.38 3.43 -14.80
CA ALA A 147 3.75 3.16 -14.33
C ALA A 147 4.46 4.37 -13.72
N ALA A 148 4.31 5.53 -14.33
CA ALA A 148 4.93 6.74 -13.81
C ALA A 148 4.20 7.15 -12.55
N SER A 149 2.87 7.07 -12.60
CA SER A 149 2.06 7.45 -11.44
C SER A 149 2.57 6.78 -10.18
N VAL A 150 2.72 5.45 -10.23
CA VAL A 150 3.26 4.73 -9.07
C VAL A 150 4.75 5.05 -9.03
N GLY A 151 5.40 5.07 -10.19
CA GLY A 151 6.81 5.39 -10.21
C GLY A 151 7.83 4.27 -10.28
N SER A 152 7.43 3.10 -10.76
CA SER A 152 8.37 2.00 -10.84
C SER A 152 9.28 2.16 -12.04
N LEU A 153 10.51 2.60 -11.81
CA LEU A 153 11.48 2.77 -12.88
C LEU A 153 11.50 1.45 -13.66
N LYS A 154 11.45 0.37 -12.91
CA LYS A 154 11.44 -0.99 -13.44
C LYS A 154 10.46 -1.15 -14.61
N LEU A 155 9.22 -0.70 -14.42
CA LEU A 155 8.20 -0.80 -15.46
C LEU A 155 8.28 0.35 -16.47
N ILE A 156 8.91 1.44 -16.05
CA ILE A 156 9.09 2.58 -16.91
C ILE A 156 10.09 2.17 -17.99
N GLU A 157 11.16 1.49 -17.57
CA GLU A 157 12.21 1.05 -18.49
C GLU A 157 11.74 -0.11 -19.35
N LEU A 158 10.61 -0.69 -19.00
CA LEU A 158 10.10 -1.80 -19.77
C LEU A 158 9.13 -1.29 -20.85
N LEU A 159 8.18 -0.45 -20.46
CA LEU A 159 7.21 0.09 -21.43
C LEU A 159 7.93 0.94 -22.47
N CYS A 160 8.70 1.91 -22.00
CA CYS A 160 9.45 2.83 -22.85
C CYS A 160 10.53 2.13 -23.65
N GLY A 161 11.26 1.26 -22.97
CA GLY A 161 12.31 0.53 -23.62
C GLY A 161 11.77 -0.49 -24.60
N LEU A 162 11.80 -1.75 -24.22
CA LEU A 162 11.33 -2.84 -25.07
C LEU A 162 10.06 -2.54 -25.85
N GLY A 163 9.02 -2.09 -25.14
CA GLY A 163 7.75 -1.79 -25.79
C GLY A 163 7.71 -0.45 -26.51
N LYS A 164 8.89 0.12 -26.77
CA LYS A 164 9.00 1.40 -27.45
C LYS A 164 7.72 2.20 -27.30
N SER A 165 7.42 2.56 -26.06
CA SER A 165 6.22 3.31 -25.71
C SER A 165 6.34 4.81 -25.98
N ALA A 166 5.22 5.44 -26.32
CA ALA A 166 5.20 6.88 -26.54
C ALA A 166 5.23 7.44 -25.13
N VAL A 167 5.84 8.60 -24.94
CA VAL A 167 5.93 9.16 -23.60
C VAL A 167 5.36 10.55 -23.41
N ASN A 168 5.04 11.25 -24.49
CA ASN A 168 4.52 12.60 -24.32
C ASN A 168 3.02 12.82 -24.49
N TRP A 169 2.25 11.75 -24.54
CA TRP A 169 0.80 11.87 -24.67
C TRP A 169 0.19 12.41 -23.38
N GLN A 170 -0.85 13.22 -23.49
CA GLN A 170 -1.48 13.78 -22.31
C GLN A 170 -2.92 13.34 -22.10
N ASP A 171 -3.20 12.83 -20.90
CA ASP A 171 -4.54 12.40 -20.60
C ASP A 171 -5.52 13.56 -20.74
N LYS A 172 -6.74 13.32 -20.23
CA LYS A 172 -7.83 14.29 -20.24
C LYS A 172 -7.41 15.53 -19.46
N GLN A 173 -6.98 15.31 -18.23
CA GLN A 173 -6.52 16.39 -17.37
C GLN A 173 -5.34 17.11 -18.05
N GLY A 174 -4.89 16.55 -19.17
CA GLY A 174 -3.78 17.11 -19.92
C GLY A 174 -2.44 16.82 -19.27
N TRP A 175 -2.26 15.61 -18.76
CA TRP A 175 -1.03 15.20 -18.06
C TRP A 175 -0.19 14.14 -18.77
N THR A 176 1.10 14.41 -18.95
CA THR A 176 1.96 13.42 -19.57
C THR A 176 2.33 12.44 -18.47
N PRO A 177 2.96 11.31 -18.82
CA PRO A 177 3.31 10.38 -17.75
C PRO A 177 4.20 11.05 -16.71
N LEU A 178 4.88 12.11 -17.13
CA LEU A 178 5.78 12.87 -16.26
C LEU A 178 5.07 13.64 -15.15
N PHE A 179 4.00 14.35 -15.48
CA PHE A 179 3.27 15.10 -14.46
C PHE A 179 2.99 14.09 -13.37
N HIS A 180 2.24 13.05 -13.71
CA HIS A 180 1.91 12.01 -12.75
C HIS A 180 3.11 11.61 -11.86
N ALA A 181 4.20 11.18 -12.49
CA ALA A 181 5.37 10.78 -11.72
C ALA A 181 6.09 11.96 -11.07
N LEU A 182 5.33 12.99 -10.72
CA LEU A 182 5.91 14.16 -10.06
C LEU A 182 4.89 14.67 -9.08
N ALA A 183 3.61 14.51 -9.40
CA ALA A 183 2.57 14.94 -8.51
C ALA A 183 2.60 13.95 -7.35
N GLU A 184 2.91 12.70 -7.66
CA GLU A 184 3.01 11.67 -6.64
C GLU A 184 4.45 11.64 -6.18
N GLY A 185 5.20 12.61 -6.72
CA GLY A 185 6.59 12.82 -6.38
C GLY A 185 7.67 11.78 -6.55
N HIS A 186 7.81 11.19 -7.72
CA HIS A 186 8.86 10.20 -7.90
C HIS A 186 10.04 10.74 -8.69
N GLY A 187 10.59 11.86 -8.21
CA GLY A 187 11.72 12.52 -8.85
C GLY A 187 12.55 11.66 -9.77
N ASP A 188 13.19 10.65 -9.20
CA ASP A 188 14.02 9.71 -9.94
C ASP A 188 13.29 9.14 -11.16
N ALA A 189 12.02 8.79 -10.96
CA ALA A 189 11.17 8.24 -12.01
C ALA A 189 10.93 9.32 -13.04
N ALA A 190 10.53 10.49 -12.55
CA ALA A 190 10.27 11.61 -13.44
C ALA A 190 11.49 11.83 -14.33
N VAL A 191 12.66 12.02 -13.74
CA VAL A 191 13.85 12.26 -14.54
C VAL A 191 14.15 11.14 -15.53
N LEU A 192 13.97 9.88 -15.14
CA LEU A 192 14.23 8.79 -16.07
C LEU A 192 13.53 9.02 -17.40
N LEU A 193 12.31 9.54 -17.35
CA LEU A 193 11.57 9.83 -18.58
C LEU A 193 12.40 10.82 -19.38
N VAL A 194 12.30 12.08 -18.96
CA VAL A 194 13.02 13.19 -19.57
C VAL A 194 14.42 12.77 -19.99
N GLU A 195 15.22 12.34 -19.02
CA GLU A 195 16.60 11.95 -19.27
C GLU A 195 16.93 10.74 -20.15
N LYS A 196 16.43 9.56 -19.81
CA LYS A 196 16.74 8.37 -20.61
C LYS A 196 15.78 8.09 -21.78
N TYR A 197 14.52 8.46 -21.61
CA TYR A 197 13.52 8.24 -22.65
C TYR A 197 12.95 9.57 -23.17
N GLY A 198 13.84 10.54 -23.31
CA GLY A 198 13.47 11.86 -23.79
C GLY A 198 12.02 12.25 -23.67
N ALA A 199 11.62 12.71 -22.50
CA ALA A 199 10.25 13.13 -22.28
C ALA A 199 10.24 14.66 -22.20
N GLU A 200 9.45 15.30 -23.05
CA GLU A 200 9.37 16.76 -23.05
C GLU A 200 8.76 17.16 -21.73
N TYR A 201 9.18 18.30 -21.18
CA TYR A 201 8.64 18.74 -19.90
C TYR A 201 8.20 20.20 -19.86
N ASP A 202 8.14 20.85 -21.01
CA ASP A 202 7.73 22.23 -21.06
C ASP A 202 6.26 22.34 -21.40
N LEU A 203 5.60 21.20 -21.61
CA LEU A 203 4.17 21.21 -21.94
C LEU A 203 3.39 21.65 -20.72
N VAL A 204 2.11 21.90 -20.92
CA VAL A 204 1.29 22.33 -19.80
C VAL A 204 -0.04 21.61 -19.82
N ASP A 205 -0.55 21.32 -18.63
CA ASP A 205 -1.84 20.64 -18.52
C ASP A 205 -2.94 21.60 -18.95
N ASN A 206 -4.17 21.10 -18.95
CA ASN A 206 -5.31 21.91 -19.35
C ASN A 206 -5.72 22.87 -18.25
N LYS A 207 -4.76 23.67 -17.81
CA LYS A 207 -4.96 24.67 -16.77
C LYS A 207 -3.79 25.66 -16.77
N GLY A 208 -2.72 25.28 -17.47
CA GLY A 208 -1.55 26.14 -17.58
C GLY A 208 -0.30 25.74 -16.82
N ALA A 209 -0.26 24.55 -16.24
CA ALA A 209 0.91 24.12 -15.46
C ALA A 209 1.84 23.10 -16.13
N LYS A 210 3.12 23.12 -15.77
CA LYS A 210 4.08 22.17 -16.31
C LYS A 210 4.33 21.12 -15.25
N ALA A 211 5.00 20.03 -15.62
CA ALA A 211 5.27 18.94 -14.68
C ALA A 211 5.94 19.43 -13.39
N GLU A 212 6.72 20.49 -13.51
CA GLU A 212 7.41 21.05 -12.37
C GLU A 212 6.41 21.71 -11.42
N ASP A 213 5.44 22.41 -11.98
CA ASP A 213 4.44 23.10 -11.19
C ASP A 213 3.49 22.17 -10.44
N VAL A 214 3.19 21.02 -11.01
CA VAL A 214 2.29 20.07 -10.36
C VAL A 214 3.05 18.97 -9.64
N ALA A 215 4.21 19.31 -9.09
CA ALA A 215 5.01 18.35 -8.36
C ALA A 215 4.46 18.24 -6.93
N LEU A 216 4.84 17.18 -6.22
CA LEU A 216 4.36 16.93 -4.85
C LEU A 216 4.67 18.06 -3.87
N ASN A 217 5.95 18.26 -3.60
CA ASN A 217 6.39 19.32 -2.69
C ASN A 217 7.68 19.90 -3.24
N GLU A 218 8.12 21.03 -2.70
CA GLU A 218 9.34 21.63 -3.21
C GLU A 218 10.55 20.69 -3.14
N GLN A 219 10.63 19.85 -2.11
CA GLN A 219 11.74 18.91 -1.97
C GLN A 219 11.84 18.15 -3.30
N VAL A 220 10.71 17.61 -3.73
CA VAL A 220 10.59 16.87 -4.98
C VAL A 220 11.02 17.77 -6.14
N LYS A 221 10.17 18.74 -6.45
CA LYS A 221 10.40 19.68 -7.54
C LYS A 221 11.87 19.98 -7.77
N LYS A 222 12.48 20.69 -6.84
CA LYS A 222 13.89 21.05 -6.98
C LYS A 222 14.76 19.90 -7.50
N PHE A 223 14.65 18.75 -6.86
CA PHE A 223 15.43 17.58 -7.27
C PHE A 223 15.31 17.32 -8.77
N PHE A 224 14.19 17.76 -9.33
CA PHE A 224 13.92 17.59 -10.75
C PHE A 224 14.80 18.53 -11.55
N LEU A 225 14.46 19.82 -11.52
CA LEU A 225 15.23 20.81 -12.26
C LEU A 225 16.71 20.65 -11.93
N ASN A 226 17.01 20.40 -10.66
CA ASN A 226 18.38 20.20 -10.21
C ASN A 226 18.89 18.84 -10.68
N ASN A 227 18.60 18.49 -11.93
CA ASN A 227 19.03 17.20 -12.45
C ASN A 227 18.47 16.84 -13.83
N VAL A 228 17.51 17.61 -14.32
CA VAL A 228 16.92 17.33 -15.64
C VAL A 228 17.94 17.49 -16.77
N MET B 14 -16.62 -2.33 3.43
CA MET B 14 -15.82 -3.46 3.96
C MET B 14 -14.47 -3.60 3.24
N SER B 15 -14.34 -4.61 2.39
CA SER B 15 -13.08 -4.82 1.68
C SER B 15 -13.23 -4.78 0.17
N LEU B 16 -12.10 -4.57 -0.50
CA LEU B 16 -12.05 -4.51 -1.95
C LEU B 16 -11.69 -5.84 -2.60
N ALA B 17 -12.39 -6.16 -3.69
CA ALA B 17 -12.11 -7.40 -4.42
C ALA B 17 -10.65 -7.42 -4.80
N PRO B 18 -10.01 -8.58 -4.65
CA PRO B 18 -8.59 -8.68 -5.00
C PRO B 18 -8.23 -8.00 -6.33
N GLU B 19 -9.13 -8.10 -7.31
CA GLU B 19 -8.87 -7.49 -8.61
C GLU B 19 -9.34 -6.04 -8.73
N ALA B 20 -9.87 -5.47 -7.66
CA ALA B 20 -10.31 -4.09 -7.74
C ALA B 20 -9.12 -3.28 -8.21
N ASP B 21 -9.41 -2.10 -8.74
CA ASP B 21 -8.37 -1.22 -9.27
C ASP B 21 -8.63 0.23 -8.87
N LEU B 22 -8.49 0.48 -7.58
CA LEU B 22 -8.74 1.79 -7.02
C LEU B 22 -7.74 2.83 -7.55
N ASP B 23 -6.57 2.37 -8.00
CA ASP B 23 -5.53 3.27 -8.50
C ASP B 23 -6.00 4.07 -9.68
N SER B 24 -6.70 3.36 -10.54
CA SER B 24 -7.25 3.97 -11.73
C SER B 24 -8.06 5.19 -11.28
N LEU B 25 -8.88 4.98 -10.25
CA LEU B 25 -9.77 6.00 -9.73
C LEU B 25 -9.10 7.26 -9.18
N ILE B 26 -7.94 7.10 -8.57
CA ILE B 26 -7.21 8.23 -8.00
C ILE B 26 -6.42 9.00 -9.09
N ILE B 27 -5.80 8.24 -9.98
CA ILE B 27 -4.95 8.74 -11.04
C ILE B 27 -5.62 9.58 -12.12
N ARG B 28 -6.95 9.63 -12.13
CA ARG B 28 -7.64 10.41 -13.14
C ARG B 28 -7.32 11.89 -13.04
N ASN B 29 -7.80 12.57 -12.01
CA ASN B 29 -7.46 13.99 -11.90
C ASN B 29 -6.62 14.29 -10.67
N ASP B 30 -5.90 13.26 -10.19
CA ASP B 30 -5.02 13.38 -9.04
C ASP B 30 -5.10 14.71 -8.29
N SER B 31 -6.26 14.99 -7.72
CA SER B 31 -6.48 16.23 -6.98
C SER B 31 -7.84 16.20 -6.30
N LEU B 32 -8.06 15.18 -5.47
CA LEU B 32 -9.32 14.99 -4.77
C LEU B 32 -9.22 15.21 -3.26
N SER B 33 -10.16 16.00 -2.74
CA SER B 33 -10.22 16.31 -1.32
C SER B 33 -10.50 15.01 -0.58
N GLY B 34 -9.70 14.74 0.45
CA GLY B 34 -9.88 13.54 1.24
C GLY B 34 -11.32 13.20 1.55
N ALA B 35 -12.18 14.23 1.59
CA ALA B 35 -13.60 14.02 1.88
C ALA B 35 -14.34 13.32 0.75
N VAL B 36 -14.07 13.68 -0.50
CA VAL B 36 -14.76 13.02 -1.60
C VAL B 36 -14.35 11.57 -1.60
N ILE B 37 -13.09 11.31 -1.31
CA ILE B 37 -12.57 9.95 -1.28
C ILE B 37 -13.46 9.16 -0.32
N ALA B 38 -13.76 9.73 0.83
CA ALA B 38 -14.62 9.07 1.82
C ALA B 38 -16.02 8.77 1.25
N ALA B 39 -16.57 9.78 0.56
CA ALA B 39 -17.87 9.70 -0.07
C ALA B 39 -17.83 8.67 -1.21
N ILE B 40 -16.85 8.80 -2.08
CA ILE B 40 -16.67 7.87 -3.16
C ILE B 40 -16.62 6.48 -2.56
N MET B 41 -15.69 6.27 -1.63
CA MET B 41 -15.51 4.97 -1.01
C MET B 41 -16.74 4.47 -0.36
N GLN B 42 -17.47 5.35 0.30
CA GLN B 42 -18.68 4.92 0.97
C GLN B 42 -19.81 4.49 0.03
N GLU B 43 -20.12 5.33 -0.95
CA GLU B 43 -21.15 5.04 -1.95
C GLU B 43 -20.87 3.65 -2.52
N ALA B 44 -19.63 3.44 -2.95
CA ALA B 44 -19.18 2.16 -3.51
C ALA B 44 -19.40 1.00 -2.53
N GLY B 45 -19.60 1.33 -1.27
CA GLY B 45 -19.85 0.30 -0.28
C GLY B 45 -21.31 -0.12 -0.40
N LEU B 46 -22.19 0.85 -0.48
CA LEU B 46 -23.63 0.57 -0.60
C LEU B 46 -23.97 -0.14 -1.89
N ARG B 47 -23.40 0.29 -3.01
CA ARG B 47 -23.68 -0.35 -4.27
C ARG B 47 -23.33 -1.83 -4.12
N ALA B 48 -22.19 -2.09 -3.50
CA ALA B 48 -21.78 -3.48 -3.29
C ALA B 48 -22.75 -4.18 -2.35
N VAL B 49 -23.34 -3.42 -1.44
CA VAL B 49 -24.29 -3.96 -0.46
C VAL B 49 -25.58 -4.46 -1.09
N ARG B 50 -26.09 -3.69 -2.05
CA ARG B 50 -27.32 -4.08 -2.72
C ARG B 50 -27.12 -5.33 -3.56
N LYS B 51 -25.96 -5.44 -4.22
CA LYS B 51 -25.69 -6.62 -5.02
C LYS B 51 -25.51 -7.83 -4.11
N ASN B 52 -25.83 -7.65 -2.84
CA ASN B 52 -25.73 -8.70 -1.83
C ASN B 52 -24.39 -9.38 -1.90
N ARG B 53 -23.35 -8.57 -1.72
CA ARG B 53 -21.98 -9.02 -1.73
C ARG B 53 -21.32 -8.21 -0.65
N TYR B 54 -20.17 -8.67 -0.19
CA TYR B 54 -19.43 -7.92 0.80
C TYR B 54 -18.33 -7.24 -0.01
N VAL B 55 -17.50 -8.04 -0.64
CA VAL B 55 -16.41 -7.51 -1.46
C VAL B 55 -16.90 -6.50 -2.53
N ILE B 56 -16.07 -5.49 -2.77
CA ILE B 56 -16.37 -4.43 -3.72
C ILE B 56 -15.74 -4.64 -5.09
N LEU B 57 -16.56 -4.45 -6.14
CA LEU B 57 -16.10 -4.61 -7.50
C LEU B 57 -15.84 -3.26 -8.12
N GLN B 58 -15.17 -3.28 -9.28
CA GLN B 58 -14.85 -2.05 -9.98
C GLN B 58 -16.11 -1.34 -10.35
N SER B 59 -17.14 -2.11 -10.68
CA SER B 59 -18.43 -1.53 -11.05
C SER B 59 -18.87 -0.49 -10.04
N ASP B 60 -18.84 -0.87 -8.77
CA ASP B 60 -19.23 -0.05 -7.64
C ASP B 60 -18.44 1.26 -7.56
N LEU B 61 -17.12 1.16 -7.71
CA LEU B 61 -16.23 2.30 -7.61
C LEU B 61 -16.41 3.37 -8.66
N GLU B 62 -16.51 2.95 -9.92
CA GLU B 62 -16.68 3.85 -11.06
C GLU B 62 -18.01 4.54 -10.91
N GLU B 63 -18.99 3.75 -10.48
CA GLU B 63 -20.34 4.25 -10.27
C GLU B 63 -20.39 5.13 -9.03
N ALA B 64 -19.35 5.04 -8.21
CA ALA B 64 -19.29 5.86 -7.01
C ALA B 64 -18.60 7.15 -7.42
N TYR B 65 -17.47 7.01 -8.09
CA TYR B 65 -16.70 8.15 -8.57
C TYR B 65 -17.63 9.14 -9.26
N ALA B 66 -18.48 8.61 -10.15
CA ALA B 66 -19.42 9.44 -10.88
C ALA B 66 -20.23 10.31 -9.91
N THR B 67 -21.23 9.72 -9.28
CA THR B 67 -22.05 10.46 -8.33
C THR B 67 -21.28 10.87 -7.08
N GLN B 68 -20.17 11.57 -7.25
CA GLN B 68 -19.37 12.00 -6.10
C GLN B 68 -18.32 13.04 -6.41
N VAL B 69 -18.08 13.32 -7.68
CA VAL B 69 -17.07 14.30 -8.02
C VAL B 69 -17.60 15.62 -8.57
N LYS B 70 -17.26 15.95 -9.81
CA LYS B 70 -17.67 17.21 -10.44
C LYS B 70 -19.02 17.70 -9.93
N SER C 2 16.49 28.22 5.45
CA SER C 2 16.73 29.50 6.19
C SER C 2 16.61 29.31 7.71
N ASN C 3 15.39 29.38 8.25
CA ASN C 3 15.16 29.19 9.68
C ASN C 3 16.18 28.18 10.19
N TYR C 4 16.25 27.06 9.47
CA TYR C 4 17.18 25.99 9.77
C TYR C 4 17.73 25.48 8.45
N PRO C 5 18.94 25.88 8.10
CA PRO C 5 19.58 25.48 6.85
C PRO C 5 20.24 24.10 6.87
N LEU C 6 20.95 23.76 7.93
CA LEU C 6 21.63 22.47 7.98
C LEU C 6 20.67 21.30 7.83
N HIS C 7 19.54 21.38 8.52
CA HIS C 7 18.55 20.32 8.45
C HIS C 7 18.06 20.09 7.02
N GLN C 8 18.00 21.16 6.24
CA GLN C 8 17.57 21.08 4.85
C GLN C 8 18.65 20.44 3.99
N ALA C 9 19.91 20.78 4.28
CA ALA C 9 21.03 20.21 3.54
C ALA C 9 20.87 18.70 3.59
N CYS C 10 19.94 18.25 4.43
CA CYS C 10 19.67 16.82 4.58
C CYS C 10 18.33 16.44 3.99
N MET C 11 17.27 17.18 4.29
CA MET C 11 15.96 16.88 3.71
C MET C 11 16.14 16.75 2.22
N GLU C 12 16.74 17.78 1.63
CA GLU C 12 17.02 17.78 0.20
C GLU C 12 18.51 17.45 0.07
N ASN C 13 18.82 16.19 0.33
CA ASN C 13 20.16 15.66 0.27
C ASN C 13 21.08 16.39 -0.69
N GLU C 14 21.95 17.23 -0.12
CA GLU C 14 22.92 18.02 -0.87
C GLU C 14 24.18 18.17 -0.02
N PHE C 15 24.89 17.05 0.12
CA PHE C 15 26.13 16.95 0.90
C PHE C 15 26.92 18.25 0.89
N PHE C 16 27.29 18.70 -0.30
CA PHE C 16 28.02 19.96 -0.42
C PHE C 16 27.03 21.06 -0.05
N LYS C 17 26.97 21.31 1.26
CA LYS C 17 26.08 22.31 1.86
C LYS C 17 26.09 21.95 3.33
N VAL C 18 26.41 20.69 3.59
CA VAL C 18 26.49 20.19 4.95
C VAL C 18 27.83 20.66 5.49
N GLN C 19 28.89 19.97 5.07
CA GLN C 19 30.24 20.31 5.49
C GLN C 19 30.44 21.81 5.31
N GLU C 20 29.71 22.38 4.35
CA GLU C 20 29.78 23.80 4.03
C GLU C 20 29.26 24.59 5.24
N LEU C 21 28.08 24.24 5.73
CA LEU C 21 27.47 24.91 6.87
C LEU C 21 28.10 24.48 8.19
N LEU C 22 28.83 23.37 8.18
CA LEU C 22 29.46 22.86 9.39
C LEU C 22 30.73 23.59 9.78
N HIS C 23 31.66 23.74 8.84
CA HIS C 23 32.91 24.42 9.15
C HIS C 23 32.65 25.90 9.32
N SER C 24 31.50 26.36 8.85
CA SER C 24 31.14 27.76 8.97
C SER C 24 30.62 27.99 10.39
N LYS C 25 30.35 26.90 11.10
CA LYS C 25 29.85 26.90 12.49
C LYS C 25 29.35 25.50 12.86
N PRO C 26 30.20 24.69 13.51
CA PRO C 26 29.85 23.32 13.92
C PRO C 26 28.75 23.23 14.98
N SER C 27 28.36 24.37 15.54
CA SER C 27 27.32 24.40 16.58
C SER C 27 25.99 23.82 16.12
N LEU C 28 25.82 23.69 14.82
CA LEU C 28 24.60 23.15 14.22
C LEU C 28 24.46 21.65 14.30
N LEU C 29 25.59 20.96 14.16
CA LEU C 29 25.59 19.50 14.22
C LEU C 29 24.52 18.96 15.16
N LEU C 30 24.37 19.60 16.30
CA LEU C 30 23.38 19.18 17.29
C LEU C 30 22.18 20.11 17.45
N GLN C 31 22.08 21.14 16.61
CA GLN C 31 20.96 22.06 16.72
C GLN C 31 19.66 21.35 16.44
N LYS C 32 18.61 21.74 17.16
CA LYS C 32 17.30 21.13 16.99
C LYS C 32 16.31 22.08 16.30
N ASP C 33 15.74 21.63 15.18
CA ASP C 33 14.78 22.40 14.41
C ASP C 33 13.44 22.53 15.12
N GLN C 34 12.50 23.27 14.55
CA GLN C 34 11.20 23.49 15.16
C GLN C 34 10.46 22.22 15.57
N ASP C 35 11.08 21.06 15.42
CA ASP C 35 10.46 19.81 15.80
C ASP C 35 11.29 19.07 16.83
N GLY C 36 12.45 19.64 17.15
CA GLY C 36 13.32 19.03 18.13
C GLY C 36 14.22 18.03 17.45
N ARG C 37 14.36 18.15 16.14
CA ARG C 37 15.19 17.21 15.41
C ARG C 37 16.57 17.80 15.12
N ILE C 38 17.62 17.02 15.30
CA ILE C 38 18.94 17.52 14.96
C ILE C 38 19.04 17.11 13.51
N PRO C 39 20.04 17.64 12.78
CA PRO C 39 20.18 17.27 11.36
C PRO C 39 20.08 15.77 11.10
N LEU C 40 20.88 14.98 11.82
CA LEU C 40 20.90 13.52 11.69
C LEU C 40 19.51 12.91 11.47
N HIS C 41 18.50 13.43 12.17
CA HIS C 41 17.14 12.95 12.02
C HIS C 41 16.81 12.91 10.54
N TRP C 42 16.75 14.09 9.93
CA TRP C 42 16.45 14.23 8.52
C TRP C 42 17.41 13.45 7.65
N SER C 43 18.67 13.41 8.06
CA SER C 43 19.68 12.68 7.33
C SER C 43 19.19 11.25 7.17
N VAL C 44 18.84 10.63 8.29
CA VAL C 44 18.36 9.26 8.28
C VAL C 44 17.03 9.16 7.56
N SER C 45 16.10 10.05 7.90
CA SER C 45 14.77 10.07 7.30
C SER C 45 14.78 9.93 5.78
N PHE C 46 15.58 10.75 5.10
CA PHE C 46 15.63 10.68 3.66
C PHE C 46 16.78 9.83 3.11
N GLN C 47 17.09 8.75 3.83
CA GLN C 47 18.14 7.79 3.46
C GLN C 47 19.43 8.30 2.80
N ALA C 48 20.26 9.03 3.55
CA ALA C 48 21.51 9.52 2.98
C ALA C 48 22.70 8.94 3.74
N HIS C 49 23.06 7.70 3.43
CA HIS C 49 24.19 7.03 4.09
C HIS C 49 25.39 7.98 4.03
N GLU C 50 25.42 8.78 2.97
CA GLU C 50 26.45 9.77 2.71
C GLU C 50 26.58 10.78 3.86
N ILE C 51 25.62 11.69 3.95
CA ILE C 51 25.61 12.72 4.99
C ILE C 51 25.56 12.08 6.38
N THR C 52 24.97 10.89 6.45
CA THR C 52 24.84 10.17 7.71
C THR C 52 26.19 9.87 8.32
N SER C 53 27.00 9.11 7.60
CA SER C 53 28.32 8.73 8.06
C SER C 53 29.13 9.95 8.49
N PHE C 54 28.97 11.04 7.76
CA PHE C 54 29.66 12.29 8.03
C PHE C 54 29.20 12.93 9.34
N LEU C 55 27.89 13.07 9.49
CA LEU C 55 27.35 13.65 10.71
C LEU C 55 27.73 12.71 11.83
N LEU C 56 27.67 11.41 11.53
CA LEU C 56 28.01 10.38 12.50
C LEU C 56 29.43 10.55 13.00
N SER C 57 30.38 10.63 12.07
CA SER C 57 31.80 10.77 12.38
C SER C 57 32.09 11.90 13.37
N LYS C 58 31.22 12.90 13.37
CA LYS C 58 31.39 14.03 14.27
C LYS C 58 30.54 13.89 15.53
N MET C 59 29.74 12.82 15.57
CA MET C 59 28.86 12.55 16.70
C MET C 59 29.30 11.27 17.44
N GLU C 60 30.46 10.73 17.04
CA GLU C 60 30.98 9.49 17.63
C GLU C 60 31.13 9.51 19.14
N ASN C 61 30.69 10.58 19.77
CA ASN C 61 30.77 10.74 21.21
C ASN C 61 29.51 11.43 21.70
N VAL C 62 28.40 10.70 21.61
CA VAL C 62 27.10 11.21 22.02
C VAL C 62 26.11 10.06 21.77
N ASN C 63 25.07 9.98 22.59
CA ASN C 63 24.09 8.90 22.44
C ASN C 63 22.86 9.34 21.68
N LEU C 64 22.51 8.57 20.65
CA LEU C 64 21.35 8.85 19.84
C LEU C 64 20.16 8.95 20.76
N ASP C 65 20.16 8.09 21.77
CA ASP C 65 19.09 8.07 22.74
C ASP C 65 18.81 9.45 23.33
N ASP C 66 19.83 10.29 23.39
CA ASP C 66 19.65 11.63 23.97
C ASP C 66 19.11 12.61 22.95
N TYR C 67 18.67 12.12 21.81
CA TYR C 67 18.16 13.00 20.79
C TYR C 67 16.82 12.59 20.22
N PRO C 68 15.77 12.65 21.06
CA PRO C 68 14.39 12.31 20.70
C PRO C 68 13.66 13.57 20.27
N ASP C 69 13.03 13.55 19.10
CA ASP C 69 12.31 14.71 18.58
C ASP C 69 11.01 14.92 19.36
N ASP C 70 10.18 15.86 18.93
CA ASP C 70 8.92 16.15 19.63
C ASP C 70 8.05 14.94 19.91
N SER C 71 8.32 13.81 19.25
CA SER C 71 7.54 12.58 19.47
C SER C 71 8.34 11.46 20.16
N GLY C 72 9.43 11.82 20.83
CA GLY C 72 10.25 10.86 21.51
C GLY C 72 11.08 10.06 20.54
N TRP C 73 10.91 10.35 19.25
CA TRP C 73 11.62 9.66 18.17
C TRP C 73 13.10 10.02 18.05
N THR C 74 13.98 9.10 18.42
CA THR C 74 15.40 9.37 18.27
C THR C 74 15.70 9.16 16.79
N PRO C 75 16.91 9.53 16.33
CA PRO C 75 17.20 9.31 14.91
C PRO C 75 17.04 7.82 14.56
N PHE C 76 17.26 6.96 15.54
CA PHE C 76 17.15 5.52 15.35
C PHE C 76 15.73 5.13 14.97
N HIS C 77 14.78 5.55 15.80
CA HIS C 77 13.36 5.26 15.54
C HIS C 77 13.08 5.53 14.07
N ILE C 78 13.41 6.75 13.63
CA ILE C 78 13.23 7.19 12.24
C ILE C 78 13.80 6.13 11.29
N ALA C 79 15.07 5.79 11.50
CA ALA C 79 15.74 4.81 10.66
C ALA C 79 14.90 3.54 10.56
N CYS C 80 14.72 2.85 11.68
CA CYS C 80 13.93 1.62 11.69
C CYS C 80 12.56 1.77 11.05
N SER C 81 11.96 2.96 11.12
CA SER C 81 10.65 3.16 10.52
C SER C 81 10.77 3.25 9.00
N VAL C 82 11.96 3.66 8.53
CA VAL C 82 12.21 3.77 7.10
C VAL C 82 12.56 2.40 6.58
N GLY C 83 13.41 1.68 7.33
CA GLY C 83 13.74 0.33 6.94
C GLY C 83 14.98 0.09 6.10
N ASN C 84 15.89 1.06 6.07
CA ASN C 84 17.10 0.88 5.30
C ASN C 84 18.13 0.19 6.19
N LEU C 85 17.99 -1.14 6.34
CA LEU C 85 18.89 -1.91 7.19
C LEU C 85 20.29 -1.30 7.26
N GLU C 86 20.82 -0.94 6.10
CA GLU C 86 22.13 -0.31 6.02
C GLU C 86 22.27 0.77 7.09
N VAL C 87 21.33 1.70 7.10
CA VAL C 87 21.33 2.81 8.06
C VAL C 87 21.19 2.31 9.49
N VAL C 88 20.33 1.32 9.68
CA VAL C 88 20.11 0.76 11.01
C VAL C 88 21.40 0.13 11.51
N LYS C 89 22.03 -0.66 10.64
CA LYS C 89 23.29 -1.29 10.96
C LYS C 89 24.24 -0.17 11.35
N SER C 90 24.27 0.85 10.50
CA SER C 90 25.09 2.03 10.67
C SER C 90 24.97 2.68 12.05
N LEU C 91 23.83 3.31 12.27
CA LEU C 91 23.57 4.01 13.54
C LEU C 91 23.83 3.14 14.74
N TYR C 92 23.40 1.88 14.65
CA TYR C 92 23.55 0.94 15.74
C TYR C 92 24.99 0.65 16.12
N ASP C 93 25.82 0.37 15.13
CA ASP C 93 27.23 0.03 15.33
C ASP C 93 28.16 1.21 15.70
N ARG C 94 28.01 1.71 16.92
CA ARG C 94 28.80 2.85 17.42
C ARG C 94 29.28 2.58 18.85
N PRO C 95 30.20 3.43 19.37
CA PRO C 95 30.73 3.26 20.73
C PRO C 95 29.56 3.09 21.68
N LEU C 96 28.63 4.03 21.55
CA LEU C 96 27.43 4.03 22.36
C LEU C 96 26.29 3.54 21.49
N LYS C 97 25.83 2.33 21.75
CA LYS C 97 24.74 1.75 20.98
C LYS C 97 23.39 2.17 21.52
N PRO C 98 22.38 2.25 20.65
CA PRO C 98 21.04 2.65 21.07
C PRO C 98 20.37 1.60 21.93
N ASP C 99 19.42 2.05 22.73
CA ASP C 99 18.66 1.18 23.62
C ASP C 99 17.50 0.56 22.85
N LEU C 100 17.78 -0.52 22.12
CA LEU C 100 16.77 -1.20 21.33
C LEU C 100 15.33 -1.12 21.85
N ASN C 101 15.14 -1.05 23.15
CA ASN C 101 13.80 -0.98 23.69
C ASN C 101 13.29 0.40 24.04
N LYS C 102 14.08 1.44 23.80
CA LYS C 102 13.62 2.80 24.13
C LYS C 102 12.33 3.10 23.38
N ILE C 103 11.32 3.59 24.09
CA ILE C 103 10.05 3.90 23.46
C ILE C 103 9.90 5.37 22.97
N THR C 104 8.95 5.60 22.07
CA THR C 104 8.72 6.95 21.55
C THR C 104 7.67 7.53 22.45
N ASN C 105 7.11 8.68 22.07
CA ASN C 105 6.09 9.33 22.87
C ASN C 105 4.84 8.48 23.14
N GLN C 106 4.40 7.70 22.16
CA GLN C 106 3.22 6.85 22.34
C GLN C 106 3.67 5.54 22.94
N GLY C 107 4.96 5.50 23.24
CA GLY C 107 5.56 4.34 23.86
C GLY C 107 5.61 3.15 22.96
N VAL C 108 6.15 3.36 21.76
CA VAL C 108 6.33 2.29 20.77
C VAL C 108 7.82 2.06 20.62
N THR C 109 8.20 0.93 20.01
CA THR C 109 9.61 0.63 19.83
C THR C 109 9.92 0.51 18.36
N CYS C 110 11.20 0.31 18.06
CA CYS C 110 11.65 0.15 16.69
C CYS C 110 11.03 -1.16 16.17
N LEU C 111 11.16 -2.21 16.97
CA LEU C 111 10.62 -3.50 16.60
C LEU C 111 9.19 -3.32 16.12
N HIS C 112 8.46 -2.45 16.82
CA HIS C 112 7.07 -2.15 16.49
C HIS C 112 6.96 -1.51 15.09
N LEU C 113 7.56 -0.33 14.97
CA LEU C 113 7.54 0.44 13.72
C LEU C 113 7.87 -0.45 12.56
N ALA C 114 9.06 -1.04 12.67
CA ALA C 114 9.61 -1.93 11.68
C ALA C 114 8.63 -3.04 11.31
N VAL C 115 8.24 -3.86 12.27
CA VAL C 115 7.32 -4.95 11.99
C VAL C 115 6.07 -4.45 11.26
N GLY C 116 5.37 -3.48 11.85
CA GLY C 116 4.18 -2.95 11.19
C GLY C 116 4.37 -2.63 9.72
N LYS C 117 5.58 -2.15 9.39
CA LYS C 117 5.94 -1.79 8.01
C LYS C 117 6.44 -2.97 7.16
N LYS C 118 6.34 -4.17 7.72
CA LYS C 118 6.75 -5.41 7.05
C LYS C 118 8.20 -5.43 6.56
N TRP C 119 9.08 -4.74 7.29
CA TRP C 119 10.50 -4.71 6.99
C TRP C 119 11.01 -5.94 7.75
N PHE C 120 11.27 -7.05 7.06
CA PHE C 120 11.71 -8.23 7.77
C PHE C 120 13.11 -8.14 8.36
N GLU C 121 14.13 -8.20 7.52
CA GLU C 121 15.53 -8.15 7.94
C GLU C 121 15.78 -7.22 9.11
N VAL C 122 15.14 -6.06 9.10
CA VAL C 122 15.33 -5.11 10.19
C VAL C 122 14.82 -5.73 11.48
N SER C 123 13.53 -6.08 11.48
CA SER C 123 12.90 -6.69 12.63
C SER C 123 13.74 -7.85 13.17
N GLN C 124 14.32 -8.64 12.26
CA GLN C 124 15.15 -9.76 12.63
C GLN C 124 16.42 -9.27 13.31
N PHE C 125 17.07 -8.30 12.68
CA PHE C 125 18.29 -7.73 13.22
C PHE C 125 18.05 -7.26 14.65
N LEU C 126 16.93 -6.56 14.82
CA LEU C 126 16.54 -6.01 16.12
C LEU C 126 16.44 -7.04 17.23
N ILE C 127 15.61 -8.06 17.00
CA ILE C 127 15.43 -9.14 17.96
C ILE C 127 16.74 -9.84 18.20
N GLU C 128 17.51 -9.96 17.12
CA GLU C 128 18.82 -10.60 17.11
C GLU C 128 19.67 -10.05 18.25
N ASN C 129 19.72 -8.71 18.34
CA ASN C 129 20.49 -8.05 19.39
C ASN C 129 19.73 -7.89 20.70
N GLY C 130 18.67 -8.69 20.86
CA GLY C 130 17.90 -8.69 22.08
C GLY C 130 16.83 -7.63 22.29
N ALA C 131 16.29 -7.10 21.21
CA ALA C 131 15.24 -6.10 21.35
C ALA C 131 13.98 -6.84 21.77
N SER C 132 13.55 -6.61 23.01
CA SER C 132 12.36 -7.28 23.54
C SER C 132 11.16 -7.22 22.63
N VAL C 133 10.45 -8.33 22.49
CA VAL C 133 9.26 -8.37 21.65
C VAL C 133 7.95 -8.27 22.47
N ARG C 134 8.07 -7.78 23.70
CA ARG C 134 6.92 -7.68 24.57
C ARG C 134 6.52 -6.27 25.02
N ILE C 135 7.36 -5.27 24.78
CA ILE C 135 7.01 -3.91 25.19
C ILE C 135 5.64 -3.50 24.67
N LYS C 136 4.76 -3.11 25.58
CA LYS C 136 3.40 -2.69 25.24
C LYS C 136 3.39 -1.18 24.99
N ASP C 137 2.82 -0.73 23.86
CA ASP C 137 2.78 0.71 23.62
C ASP C 137 1.60 1.28 24.38
N LYS C 138 1.21 2.50 24.08
CA LYS C 138 0.09 3.13 24.80
C LYS C 138 -1.25 2.46 24.53
N PHE C 139 -1.28 1.56 23.55
CA PHE C 139 -2.50 0.86 23.21
C PHE C 139 -2.38 -0.61 23.59
N ASN C 140 -1.39 -0.90 24.45
CA ASN C 140 -1.11 -2.24 24.94
C ASN C 140 -0.97 -3.23 23.79
N GLN C 141 -0.49 -2.73 22.67
CA GLN C 141 -0.26 -3.60 21.53
C GLN C 141 1.24 -3.74 21.49
N ILE C 142 1.68 -4.96 21.22
CA ILE C 142 3.09 -5.27 21.11
C ILE C 142 3.23 -5.52 19.62
N PRO C 143 4.47 -5.70 19.13
CA PRO C 143 4.67 -5.94 17.70
C PRO C 143 3.71 -6.95 17.10
N LEU C 144 3.59 -8.12 17.73
CA LEU C 144 2.72 -9.16 17.23
C LEU C 144 1.35 -8.61 16.89
N HIS C 145 0.91 -7.60 17.62
CA HIS C 145 -0.39 -7.00 17.33
C HIS C 145 -0.36 -6.38 15.94
N ARG C 146 0.77 -5.75 15.63
CA ARG C 146 0.94 -5.11 14.34
C ARG C 146 1.11 -6.19 13.28
N ALA C 147 2.16 -6.99 13.40
CA ALA C 147 2.42 -8.06 12.44
C ALA C 147 1.14 -8.82 12.05
N ALA C 148 0.31 -9.14 13.02
CA ALA C 148 -0.93 -9.84 12.74
C ALA C 148 -1.75 -8.95 11.85
N SER C 149 -1.96 -7.72 12.31
CA SER C 149 -2.74 -6.73 11.55
C SER C 149 -2.39 -6.66 10.06
N VAL C 150 -1.09 -6.64 9.74
CA VAL C 150 -0.65 -6.58 8.34
C VAL C 150 -0.68 -7.96 7.66
N GLY C 151 -0.75 -9.01 8.46
CA GLY C 151 -0.79 -10.35 7.92
C GLY C 151 0.55 -10.85 7.41
N SER C 152 1.58 -10.70 8.23
CA SER C 152 2.92 -11.15 7.84
C SER C 152 3.21 -12.46 8.57
N LEU C 153 2.86 -13.58 7.95
CA LEU C 153 3.10 -14.88 8.55
C LEU C 153 4.56 -14.98 8.97
N LYS C 154 5.45 -14.71 8.02
CA LYS C 154 6.88 -14.78 8.25
C LYS C 154 7.30 -13.96 9.46
N LEU C 155 6.63 -12.84 9.67
CA LEU C 155 6.94 -12.00 10.83
C LEU C 155 6.34 -12.66 12.06
N ILE C 156 5.16 -13.26 11.90
CA ILE C 156 4.51 -13.95 13.01
C ILE C 156 5.43 -15.08 13.42
N GLU C 157 6.00 -15.75 12.42
CA GLU C 157 6.92 -16.86 12.63
C GLU C 157 8.07 -16.38 13.49
N LEU C 158 8.62 -15.23 13.10
CA LEU C 158 9.75 -14.66 13.82
C LEU C 158 9.41 -14.26 15.25
N LEU C 159 8.39 -13.41 15.37
CA LEU C 159 7.93 -12.88 16.65
C LEU C 159 7.52 -13.96 17.66
N CYS C 160 6.90 -15.02 17.16
CA CYS C 160 6.43 -16.12 18.00
C CYS C 160 7.43 -17.24 18.11
N GLY C 161 8.20 -17.44 17.05
CA GLY C 161 9.20 -18.48 17.06
C GLY C 161 10.37 -18.03 17.91
N LEU C 162 11.44 -17.60 17.25
CA LEU C 162 12.65 -17.13 17.90
C LEU C 162 12.39 -16.21 19.10
N GLY C 163 11.53 -15.22 18.90
CA GLY C 163 11.23 -14.28 19.96
C GLY C 163 10.29 -14.73 21.05
N LYS C 164 9.79 -15.95 20.96
CA LYS C 164 8.89 -16.47 21.98
C LYS C 164 7.87 -15.43 22.41
N SER C 165 7.24 -14.77 21.44
CA SER C 165 6.24 -13.75 21.76
C SER C 165 5.15 -14.27 22.68
N ALA C 166 4.28 -13.36 23.10
CA ALA C 166 3.14 -13.70 23.94
C ALA C 166 2.00 -13.51 22.98
N VAL C 167 1.15 -14.53 22.84
CA VAL C 167 0.09 -14.42 21.88
C VAL C 167 -1.31 -14.05 22.36
N ASN C 168 -1.56 -14.10 23.66
CA ASN C 168 -2.90 -13.79 24.13
C ASN C 168 -3.03 -12.51 24.92
N TRP C 169 -2.39 -11.45 24.44
CA TRP C 169 -2.46 -10.15 25.10
C TRP C 169 -3.53 -9.30 24.39
N GLN C 170 -4.24 -8.48 25.15
CA GLN C 170 -5.31 -7.66 24.58
C GLN C 170 -5.06 -6.17 24.71
N ASP C 171 -5.11 -5.46 23.59
CA ASP C 171 -4.88 -4.02 23.59
C ASP C 171 -6.03 -3.35 24.29
N LYS C 172 -6.03 -2.02 24.25
CA LYS C 172 -7.07 -1.23 24.89
C LYS C 172 -8.50 -1.62 24.53
N GLN C 173 -8.68 -2.26 23.37
CA GLN C 173 -10.01 -2.69 22.95
C GLN C 173 -10.26 -4.16 23.18
N GLY C 174 -9.46 -4.77 24.06
CA GLY C 174 -9.60 -6.18 24.39
C GLY C 174 -9.26 -7.07 23.21
N TRP C 175 -8.47 -6.54 22.27
CA TRP C 175 -8.09 -7.31 21.09
C TRP C 175 -6.74 -7.98 21.16
N THR C 176 -6.72 -9.27 20.88
CA THR C 176 -5.46 -10.00 20.86
C THR C 176 -5.00 -9.90 19.42
N PRO C 177 -3.78 -10.34 19.13
CA PRO C 177 -3.34 -10.24 17.73
C PRO C 177 -4.34 -10.89 16.76
N LEU C 178 -4.88 -12.05 17.15
CA LEU C 178 -5.83 -12.75 16.31
C LEU C 178 -6.89 -11.78 15.82
N PHE C 179 -7.63 -11.18 16.75
CA PHE C 179 -8.67 -10.22 16.40
C PHE C 179 -8.25 -9.38 15.19
N HIS C 180 -7.14 -8.65 15.32
CA HIS C 180 -6.62 -7.82 14.24
C HIS C 180 -6.43 -8.65 12.96
N ALA C 181 -5.76 -9.80 13.07
CA ALA C 181 -5.56 -10.63 11.89
C ALA C 181 -6.87 -10.96 11.18
N LEU C 182 -7.97 -11.09 11.93
CA LEU C 182 -9.25 -11.43 11.31
C LEU C 182 -10.04 -10.26 10.76
N ALA C 183 -9.88 -9.10 11.36
CA ALA C 183 -10.59 -7.91 10.91
C ALA C 183 -9.89 -7.36 9.67
N GLU C 184 -8.61 -7.66 9.53
CA GLU C 184 -7.83 -7.20 8.38
C GLU C 184 -7.91 -8.22 7.25
N GLY C 185 -8.91 -9.10 7.35
CA GLY C 185 -9.12 -10.11 6.34
C GLY C 185 -7.95 -11.05 6.11
N HIS C 186 -7.07 -11.18 7.10
CA HIS C 186 -5.93 -12.08 6.96
C HIS C 186 -6.25 -13.38 7.68
N GLY C 187 -7.33 -14.03 7.25
CA GLY C 187 -7.73 -15.30 7.86
C GLY C 187 -6.61 -16.31 7.72
N ASP C 188 -5.77 -16.08 6.71
CA ASP C 188 -4.65 -16.96 6.45
C ASP C 188 -3.72 -17.05 7.66
N ALA C 189 -3.17 -15.91 8.08
CA ALA C 189 -2.29 -15.89 9.25
C ALA C 189 -3.07 -16.26 10.50
N ALA C 190 -4.29 -15.74 10.61
CA ALA C 190 -5.15 -16.02 11.76
C ALA C 190 -5.04 -17.47 12.21
N VAL C 191 -5.40 -18.42 11.34
CA VAL C 191 -5.34 -19.83 11.72
C VAL C 191 -3.94 -20.17 12.24
N LEU C 192 -2.92 -19.61 11.60
CA LEU C 192 -1.56 -19.86 12.01
C LEU C 192 -1.37 -19.47 13.48
N LEU C 193 -1.99 -18.38 13.90
CA LEU C 193 -1.89 -17.92 15.30
C LEU C 193 -2.38 -19.01 16.25
N VAL C 194 -3.57 -19.53 15.98
CA VAL C 194 -4.19 -20.57 16.79
C VAL C 194 -3.54 -21.94 16.62
N GLU C 195 -3.21 -22.31 15.38
CA GLU C 195 -2.62 -23.62 15.15
C GLU C 195 -1.17 -23.83 15.57
N LYS C 196 -0.22 -23.33 14.80
CA LYS C 196 1.20 -23.52 15.15
C LYS C 196 1.63 -22.81 16.44
N TYR C 197 1.15 -21.60 16.67
CA TYR C 197 1.51 -20.87 17.88
C TYR C 197 0.30 -20.68 18.79
N GLY C 198 -0.60 -21.65 18.73
CA GLY C 198 -1.81 -21.63 19.55
C GLY C 198 -2.19 -20.41 20.38
N ALA C 199 -3.20 -19.68 19.92
CA ALA C 199 -3.69 -18.50 20.62
C ALA C 199 -5.14 -18.83 21.00
N GLU C 200 -5.60 -18.34 22.13
CA GLU C 200 -6.97 -18.63 22.56
C GLU C 200 -7.99 -17.82 21.75
N TYR C 201 -8.79 -18.49 20.93
CA TYR C 201 -9.77 -17.79 20.13
C TYR C 201 -11.19 -17.76 20.71
N ASP C 202 -11.29 -17.73 22.03
CA ASP C 202 -12.61 -17.72 22.65
C ASP C 202 -12.80 -16.61 23.66
N LEU C 203 -11.91 -15.62 23.65
CA LEU C 203 -12.03 -14.49 24.57
C LEU C 203 -12.89 -13.41 23.95
N VAL C 204 -13.26 -12.41 24.73
CA VAL C 204 -14.10 -11.36 24.21
C VAL C 204 -13.46 -9.97 24.34
N ASP C 205 -13.64 -9.16 23.30
CA ASP C 205 -13.11 -7.81 23.26
C ASP C 205 -13.94 -6.96 24.21
N ASN C 206 -13.53 -5.72 24.40
CA ASN C 206 -14.26 -4.82 25.28
C ASN C 206 -15.77 -4.82 25.08
N LYS C 207 -16.22 -5.28 23.91
CA LYS C 207 -17.64 -5.31 23.62
C LYS C 207 -18.18 -6.73 23.41
N GLY C 208 -17.92 -7.60 24.39
CA GLY C 208 -18.40 -8.97 24.34
C GLY C 208 -18.31 -9.70 23.01
N ALA C 209 -17.51 -9.21 22.07
CA ALA C 209 -17.37 -9.87 20.77
C ALA C 209 -16.08 -10.69 20.68
N LYS C 210 -16.17 -11.84 20.02
CA LYS C 210 -15.02 -12.72 19.86
C LYS C 210 -14.33 -12.45 18.54
N ALA C 211 -13.06 -12.81 18.47
CA ALA C 211 -12.27 -12.60 17.26
C ALA C 211 -13.04 -12.99 16.02
N GLU C 212 -13.79 -14.08 16.11
CA GLU C 212 -14.55 -14.54 14.97
C GLU C 212 -15.80 -13.70 14.67
N ASP C 213 -16.05 -12.69 15.49
CA ASP C 213 -17.19 -11.80 15.28
C ASP C 213 -16.68 -10.45 14.72
N VAL C 214 -15.37 -10.28 14.71
CA VAL C 214 -14.78 -9.06 14.21
C VAL C 214 -14.16 -9.30 12.84
N ALA C 215 -14.46 -10.47 12.26
CA ALA C 215 -13.94 -10.81 10.94
C ALA C 215 -14.33 -9.73 9.93
N LEU C 216 -13.61 -9.68 8.81
CA LEU C 216 -13.88 -8.69 7.76
C LEU C 216 -15.15 -8.95 6.99
N ASN C 217 -15.58 -10.21 6.98
CA ASN C 217 -16.78 -10.60 6.26
C ASN C 217 -17.00 -12.10 6.45
N GLU C 218 -18.24 -12.56 6.28
CA GLU C 218 -18.52 -13.98 6.43
C GLU C 218 -17.58 -14.81 5.56
N GLN C 219 -16.90 -14.15 4.61
CA GLN C 219 -15.95 -14.84 3.74
C GLN C 219 -14.82 -15.41 4.60
N VAL C 220 -14.08 -14.48 5.20
CA VAL C 220 -12.98 -14.79 6.09
C VAL C 220 -13.48 -15.61 7.27
N LYS C 221 -14.48 -15.10 7.96
CA LYS C 221 -15.06 -15.77 9.12
C LYS C 221 -15.18 -17.27 8.93
N LYS C 222 -15.84 -17.67 7.85
CA LYS C 222 -16.04 -19.09 7.57
C LYS C 222 -14.72 -19.86 7.58
N PHE C 223 -13.81 -19.44 6.71
CA PHE C 223 -12.50 -20.08 6.58
C PHE C 223 -11.89 -20.46 7.92
N PHE C 224 -11.80 -19.47 8.80
CA PHE C 224 -11.25 -19.65 10.14
C PHE C 224 -11.88 -20.81 10.90
N LEU C 225 -13.16 -20.67 11.23
CA LEU C 225 -13.89 -21.67 11.98
C LEU C 225 -13.78 -23.08 11.40
N ASN C 226 -13.25 -23.20 10.19
CA ASN C 226 -13.08 -24.49 9.54
C ASN C 226 -11.63 -24.97 9.62
N ASN C 227 -10.83 -24.29 10.44
CA ASN C 227 -9.43 -24.62 10.62
C ASN C 227 -9.02 -24.44 12.08
N VAL C 228 -10.02 -24.34 12.95
CA VAL C 228 -9.77 -24.14 14.37
C VAL C 228 -10.38 -25.21 15.27
N GLU D 2 -11.07 -1.72 11.91
CA GLU D 2 -9.67 -1.35 11.71
C GLU D 2 -9.46 -0.72 10.34
N ARG D 3 -10.53 -0.67 9.56
CA ARG D 3 -10.42 -0.65 8.10
C ARG D 3 -9.27 0.27 7.66
N ARG D 4 -8.30 -0.30 6.96
CA ARG D 4 -7.08 0.42 6.61
C ARG D 4 -7.27 1.25 5.34
N LEU D 5 -8.44 1.11 4.73
CA LEU D 5 -8.63 1.48 3.33
C LEU D 5 -8.50 2.99 3.14
N ILE D 6 -9.61 3.69 3.30
CA ILE D 6 -9.60 5.16 3.26
C ILE D 6 -8.23 5.74 3.63
N PHE D 7 -7.69 5.27 4.77
CA PHE D 7 -6.39 5.70 5.27
C PHE D 7 -5.34 5.71 4.18
N GLY D 8 -4.62 4.61 4.07
CA GLY D 8 -3.59 4.51 3.05
C GLY D 8 -3.92 5.29 1.79
N THR D 9 -5.12 5.08 1.26
CA THR D 9 -5.57 5.76 0.04
C THR D 9 -5.28 7.26 0.10
N ILE D 10 -5.92 7.93 1.04
CA ILE D 10 -5.72 9.37 1.21
C ILE D 10 -4.23 9.69 1.41
N ALA D 11 -3.54 8.79 2.09
CA ALA D 11 -2.12 8.97 2.39
C ALA D 11 -1.24 9.01 1.14
N SER D 12 -1.68 8.36 0.06
CA SER D 12 -0.89 8.35 -1.16
C SER D 12 -0.76 9.76 -1.73
N LYS D 13 -1.91 10.37 -2.01
CA LYS D 13 -1.97 11.72 -2.58
C LYS D 13 -1.35 12.75 -1.65
N MET D 14 -1.06 12.34 -0.42
CA MET D 14 -0.45 13.25 0.55
C MET D 14 1.04 13.00 0.77
N SER D 15 1.71 13.99 1.35
CA SER D 15 3.14 13.90 1.60
C SER D 15 3.44 13.49 3.03
N LEU D 16 3.66 12.19 3.24
CA LEU D 16 4.00 11.69 4.57
C LEU D 16 5.46 11.30 4.61
N ALA D 17 6.16 11.79 5.64
CA ALA D 17 7.57 11.49 5.84
C ALA D 17 7.78 9.99 5.78
N PRO D 18 8.98 9.58 5.32
CA PRO D 18 9.39 8.18 5.19
C PRO D 18 9.15 7.32 6.46
N GLU D 19 9.24 7.99 7.61
CA GLU D 19 9.08 7.36 8.91
C GLU D 19 7.64 7.22 9.31
N ALA D 20 6.87 8.27 9.08
CA ALA D 20 5.46 8.29 9.44
C ALA D 20 4.92 6.88 9.60
N ASP D 21 4.36 6.61 10.76
CA ASP D 21 3.76 5.31 11.05
C ASP D 21 2.26 5.56 11.18
N LEU D 22 1.55 5.42 10.07
CA LEU D 22 0.11 5.65 10.11
C LEU D 22 -0.57 4.36 10.58
N ASP D 23 0.23 3.28 10.68
CA ASP D 23 -0.25 1.98 11.16
C ASP D 23 -0.90 2.28 12.49
N SER D 24 -0.10 2.94 13.32
CA SER D 24 -0.50 3.36 14.65
C SER D 24 -1.96 3.74 14.66
N LEU D 25 -2.24 4.91 14.09
CA LEU D 25 -3.59 5.45 14.01
C LEU D 25 -4.65 4.44 13.58
N ILE D 26 -4.42 3.80 12.44
CA ILE D 26 -5.38 2.86 11.91
C ILE D 26 -5.79 1.79 12.91
N ILE D 27 -4.80 0.99 13.28
CA ILE D 27 -4.96 -0.16 14.18
C ILE D 27 -5.31 0.08 15.63
N ARG D 28 -6.03 1.13 15.96
CA ARG D 28 -6.37 1.33 17.36
C ARG D 28 -7.79 0.87 17.69
N ASN D 29 -8.72 1.81 17.86
CA ASN D 29 -10.11 1.44 18.17
C ASN D 29 -10.78 0.87 16.94
N ASP D 30 -9.97 0.52 15.96
CA ASP D 30 -10.41 -0.10 14.71
C ASP D 30 -11.76 0.23 14.10
N SER D 31 -11.66 0.73 12.88
CA SER D 31 -12.79 1.11 12.05
C SER D 31 -13.28 2.52 12.35
N LEU D 32 -12.71 3.46 11.60
CA LEU D 32 -13.07 4.85 11.73
C LEU D 32 -13.79 5.16 10.42
N SER D 33 -14.83 5.97 10.50
CA SER D 33 -15.56 6.32 9.30
C SER D 33 -14.57 7.03 8.38
N GLY D 34 -14.68 6.75 7.08
CA GLY D 34 -13.81 7.37 6.11
C GLY D 34 -13.86 8.88 6.20
N ALA D 35 -14.99 9.41 6.68
CA ALA D 35 -15.16 10.84 6.83
C ALA D 35 -14.28 11.37 7.96
N VAL D 36 -14.05 10.54 8.97
CA VAL D 36 -13.22 10.97 10.09
C VAL D 36 -11.75 10.77 9.75
N ILE D 37 -11.46 9.71 9.01
CA ILE D 37 -10.10 9.42 8.61
C ILE D 37 -9.62 10.57 7.74
N ALA D 38 -10.51 11.03 6.87
CA ALA D 38 -10.20 12.14 5.97
C ALA D 38 -10.02 13.39 6.81
N ALA D 39 -10.72 13.44 7.94
CA ALA D 39 -10.64 14.60 8.82
C ALA D 39 -9.29 14.59 9.53
N ILE D 40 -8.90 13.44 10.05
CA ILE D 40 -7.62 13.29 10.73
C ILE D 40 -6.49 13.80 9.81
N MET D 41 -6.44 13.30 8.58
CA MET D 41 -5.42 13.71 7.63
C MET D 41 -5.49 15.21 7.36
N GLN D 42 -6.70 15.75 7.33
CA GLN D 42 -6.91 17.18 7.09
C GLN D 42 -6.23 17.93 8.22
N GLU D 43 -6.70 17.72 9.43
CA GLU D 43 -6.14 18.37 10.60
C GLU D 43 -4.62 18.15 10.64
N ALA D 44 -4.19 16.95 10.28
CA ALA D 44 -2.76 16.62 10.29
C ALA D 44 -1.96 17.54 9.40
N GLY D 45 -2.60 18.03 8.34
CA GLY D 45 -1.92 18.93 7.41
C GLY D 45 -1.72 20.31 7.98
N LEU D 46 -2.82 20.92 8.43
CA LEU D 46 -2.77 22.27 9.00
C LEU D 46 -1.65 22.38 10.03
N ARG D 47 -1.48 21.32 10.81
CA ARG D 47 -0.45 21.26 11.83
C ARG D 47 0.92 21.29 11.18
N ALA D 48 1.14 20.36 10.25
CA ALA D 48 2.42 20.28 9.57
C ALA D 48 2.78 21.59 8.88
N VAL D 49 1.77 22.39 8.53
CA VAL D 49 2.00 23.66 7.86
C VAL D 49 2.21 24.80 8.85
N ARG D 50 1.43 24.78 9.92
CA ARG D 50 1.54 25.80 10.98
C ARG D 50 2.90 25.59 11.67
N LYS D 51 3.70 24.68 11.12
CA LYS D 51 5.02 24.36 11.65
C LYS D 51 5.97 24.38 10.46
N ASN D 52 5.54 25.09 9.42
CA ASN D 52 6.26 25.25 8.16
C ASN D 52 7.07 24.07 7.67
N ARG D 53 6.36 23.00 7.33
CA ARG D 53 6.95 21.78 6.79
C ARG D 53 6.01 21.31 5.68
N TYR D 54 6.58 20.71 4.62
CA TYR D 54 5.78 20.21 3.51
C TYR D 54 5.66 18.68 3.59
N VAL D 55 6.32 18.12 4.59
CA VAL D 55 6.34 16.68 4.85
C VAL D 55 5.63 16.50 6.19
N ILE D 56 4.82 15.44 6.29
CA ILE D 56 4.12 15.18 7.54
C ILE D 56 4.84 14.20 8.48
N LEU D 57 5.07 14.70 9.69
CA LEU D 57 5.75 13.98 10.75
C LEU D 57 4.80 13.18 11.62
N GLN D 58 5.30 12.07 12.16
CA GLN D 58 4.51 11.23 13.02
C GLN D 58 3.61 12.11 13.85
N SER D 59 4.26 12.93 14.69
CA SER D 59 3.59 13.89 15.57
C SER D 59 2.24 14.42 15.07
N ASP D 60 2.26 15.13 13.95
CA ASP D 60 1.06 15.73 13.34
C ASP D 60 -0.08 14.74 13.21
N LEU D 61 0.22 13.54 12.69
CA LEU D 61 -0.81 12.52 12.56
C LEU D 61 -1.35 12.23 13.95
N GLU D 62 -0.41 11.87 14.82
CA GLU D 62 -0.67 11.53 16.21
C GLU D 62 -1.60 12.48 16.98
N GLU D 63 -1.38 13.79 16.85
CA GLU D 63 -2.23 14.73 17.57
C GLU D 63 -3.51 15.06 16.82
N ALA D 64 -3.49 14.86 15.50
CA ALA D 64 -4.67 15.10 14.67
C ALA D 64 -5.68 14.01 14.95
N TYR D 65 -5.15 12.86 15.39
CA TYR D 65 -5.97 11.71 15.72
C TYR D 65 -6.75 12.05 16.97
N ALA D 66 -6.02 12.45 18.01
CA ALA D 66 -6.61 12.82 19.29
C ALA D 66 -7.81 13.77 19.12
N THR D 67 -7.87 14.45 17.98
CA THR D 67 -8.95 15.36 17.70
C THR D 67 -10.25 14.62 17.37
N GLN D 68 -10.17 13.32 17.08
CA GLN D 68 -11.38 12.55 16.72
C GLN D 68 -11.49 11.13 17.31
#